data_4YFE
#
_entry.id   4YFE
#
_cell.length_a   51.909
_cell.length_b   65.081
_cell.length_c   133.995
_cell.angle_alpha   90.00
_cell.angle_beta   90.00
_cell.angle_gamma   90.00
#
_symmetry.space_group_name_H-M   'P 21 21 21'
#
loop_
_entity.id
_entity.type
_entity.pdbx_description
1 polymer 'Receptor-type tyrosine-protein phosphatase delta'
2 water water
#
_entity_poly.entity_id   1
_entity_poly.type   'polypeptide(L)'
_entity_poly.pdbx_seq_one_letter_code
;MALPKPPGTPVVTESTATSITLTWDSGNPEPVSYYIIQHKPKNSEEPYKEIDGIATTRYSVAGLSPYSDYEFRVVAVNNI
GRGPASEPVLTQTSEQAPSSAPRDVQARMLSSTTILVQWKEPEEPNGQIQGYRVYYTMDPTQHVNNWMKHNVADSQITTI
GNLVPQKTYSVKVLAFTSIGDGPLSSDIQVITLEHHHHHH
;
_entity_poly.pdbx_strand_id   A,B
#
# COMPACT_ATOMS: atom_id res chain seq x y z
N ALA A 2 6.16 -26.23 -3.37
CA ALA A 2 7.59 -25.93 -3.44
C ALA A 2 7.90 -24.64 -2.69
N LEU A 3 9.18 -24.37 -2.49
CA LEU A 3 9.58 -23.10 -1.90
C LEU A 3 9.07 -21.95 -2.75
N PRO A 4 8.87 -20.78 -2.13
CA PRO A 4 8.49 -19.59 -2.90
C PRO A 4 9.55 -19.19 -3.92
N LYS A 5 9.10 -18.57 -5.01
CA LYS A 5 10.00 -17.88 -5.93
C LYS A 5 10.31 -16.49 -5.36
N PRO A 6 11.34 -15.82 -5.91
CA PRO A 6 11.63 -14.48 -5.35
C PRO A 6 10.46 -13.54 -5.59
N PRO A 7 10.15 -12.67 -4.61
CA PRO A 7 9.10 -11.68 -4.84
C PRO A 7 9.47 -10.75 -5.99
N GLY A 8 8.54 -9.96 -6.49
CA GLY A 8 8.90 -8.98 -7.48
C GLY A 8 9.84 -7.94 -6.88
N THR A 9 10.63 -7.29 -7.72
CA THR A 9 11.55 -6.26 -7.26
C THR A 9 10.74 -5.20 -6.52
N PRO A 10 11.12 -4.89 -5.27
CA PRO A 10 10.37 -3.87 -4.52
C PRO A 10 10.49 -2.47 -5.10
N VAL A 11 9.42 -1.70 -4.94
CA VAL A 11 9.32 -0.37 -5.51
C VAL A 11 9.11 0.60 -4.36
N VAL A 12 9.85 1.71 -4.37
CA VAL A 12 9.63 2.73 -3.35
C VAL A 12 8.47 3.62 -3.76
N THR A 13 7.43 3.67 -2.92
CA THR A 13 6.23 4.43 -3.26
C THR A 13 5.94 5.58 -2.29
N GLU A 14 6.65 5.60 -1.16
CA GLU A 14 6.63 6.74 -0.23
C GLU A 14 8.02 6.86 0.37
N SER A 15 8.46 8.08 0.63
CA SER A 15 9.67 8.30 1.40
C SER A 15 9.53 9.52 2.28
N THR A 16 10.16 9.47 3.46
CA THR A 16 10.34 10.65 4.27
C THR A 16 11.81 10.74 4.65
N ALA A 17 12.16 11.73 5.48
CA ALA A 17 13.52 11.86 5.98
C ALA A 17 13.94 10.64 6.79
N THR A 18 12.98 9.90 7.34
CA THR A 18 13.34 8.82 8.24
C THR A 18 12.63 7.50 7.95
N SER A 19 11.96 7.41 6.80
CA SER A 19 11.29 6.17 6.45
C SER A 19 11.26 5.98 4.94
N ILE A 20 11.14 4.72 4.53
CA ILE A 20 10.91 4.39 3.14
C ILE A 20 9.81 3.33 3.05
N THR A 21 8.82 3.59 2.21
CA THR A 21 7.71 2.65 2.05
C THR A 21 7.88 1.88 0.76
N LEU A 22 7.84 0.57 0.88
CA LEU A 22 8.11 -0.33 -0.22
C LEU A 22 6.81 -1.02 -0.57
N THR A 23 6.60 -1.28 -1.85
CA THR A 23 5.55 -2.19 -2.31
C THR A 23 6.14 -3.17 -3.31
N TRP A 24 5.59 -4.38 -3.35
CA TRP A 24 6.10 -5.40 -4.26
C TRP A 24 4.99 -6.34 -4.70
N ASP A 25 5.22 -6.98 -5.84
CA ASP A 25 4.43 -8.11 -6.30
C ASP A 25 4.91 -9.38 -5.59
N SER A 26 3.99 -10.30 -5.34
CA SER A 26 4.31 -11.53 -4.59
C SER A 26 5.34 -12.37 -5.35
N GLY A 27 5.37 -12.24 -6.68
CA GLY A 27 6.23 -13.05 -7.51
C GLY A 27 5.86 -14.52 -7.55
N ASN A 28 4.76 -14.88 -6.87
CA ASN A 28 4.38 -16.28 -6.66
C ASN A 28 2.99 -16.64 -7.18
N PRO A 29 2.87 -17.83 -7.83
CA PRO A 29 1.59 -18.41 -8.23
C PRO A 29 0.67 -18.75 -7.06
N GLU A 30 1.22 -19.35 -6.01
CA GLU A 30 0.44 -19.72 -4.84
C GLU A 30 0.54 -18.66 -3.74
N PRO A 31 -0.35 -18.73 -2.73
CA PRO A 31 -0.24 -17.71 -1.67
C PRO A 31 1.01 -17.85 -0.81
N VAL A 32 1.55 -16.70 -0.42
CA VAL A 32 2.70 -16.61 0.48
C VAL A 32 2.19 -16.34 1.89
N SER A 33 2.82 -16.92 2.90
CA SER A 33 2.44 -16.62 4.28
C SER A 33 2.81 -15.21 4.72
N TYR A 34 4.03 -14.80 4.40
CA TYR A 34 4.56 -13.49 4.82
C TYR A 34 5.90 -13.21 4.17
N TYR A 35 6.43 -12.02 4.41
CA TYR A 35 7.66 -11.58 3.80
C TYR A 35 8.70 -11.15 4.81
N ILE A 36 9.93 -11.07 4.34
CA ILE A 36 11.04 -10.58 5.13
C ILE A 36 11.71 -9.50 4.30
N ILE A 37 11.90 -8.33 4.90
CA ILE A 37 12.58 -7.24 4.24
C ILE A 37 14.05 -7.17 4.66
N GLN A 38 14.92 -7.16 3.67
CA GLN A 38 16.35 -7.03 3.90
C GLN A 38 16.69 -5.57 3.61
N HIS A 39 17.46 -4.94 4.50
CA HIS A 39 17.81 -3.55 4.33
C HIS A 39 19.22 -3.27 4.84
N LYS A 40 19.91 -2.35 4.18
CA LYS A 40 21.19 -1.84 4.67
C LYS A 40 21.54 -0.50 4.02
N PRO A 41 22.48 0.25 4.63
CA PRO A 41 23.01 1.42 3.92
C PRO A 41 23.65 0.99 2.61
N LYS A 42 23.55 1.82 1.58
CA LYS A 42 24.06 1.47 0.25
C LYS A 42 25.50 0.99 0.30
N ASN A 43 26.34 1.68 1.07
CA ASN A 43 27.76 1.40 1.03
C ASN A 43 28.24 0.59 2.24
N SER A 44 27.31 -0.06 2.94
CA SER A 44 27.70 -1.11 3.87
C SER A 44 28.10 -2.34 3.08
N GLU A 45 29.14 -3.02 3.53
CA GLU A 45 29.67 -4.17 2.82
C GLU A 45 29.31 -5.44 3.60
N GLU A 46 28.69 -5.22 4.76
CA GLU A 46 28.17 -6.26 5.64
C GLU A 46 26.82 -6.85 5.17
N PRO A 47 26.40 -7.99 5.76
CA PRO A 47 25.08 -8.57 5.47
C PRO A 47 23.90 -7.64 5.77
N TYR A 48 22.86 -7.79 4.97
CA TYR A 48 21.60 -7.08 5.18
C TYR A 48 21.08 -7.31 6.60
N LYS A 49 20.46 -6.29 7.19
CA LYS A 49 19.59 -6.54 8.34
C LYS A 49 18.24 -7.02 7.83
N GLU A 50 17.47 -7.68 8.68
CA GLU A 50 16.23 -8.32 8.24
C GLU A 50 15.07 -7.94 9.15
N ILE A 51 13.95 -7.59 8.53
CA ILE A 51 12.71 -7.41 9.27
C ILE A 51 11.79 -8.58 8.95
N ASP A 52 11.54 -9.41 9.95
CA ASP A 52 10.75 -10.64 9.82
C ASP A 52 9.24 -10.39 9.90
N GLY A 53 8.47 -11.32 9.35
CA GLY A 53 7.04 -11.41 9.64
C GLY A 53 6.22 -10.25 9.14
N ILE A 54 6.41 -9.89 7.87
CA ILE A 54 5.61 -8.84 7.25
C ILE A 54 4.45 -9.46 6.46
N ALA A 55 3.23 -9.22 6.93
CA ALA A 55 2.06 -9.96 6.44
C ALA A 55 1.36 -9.36 5.22
N THR A 56 1.98 -8.37 4.57
CA THR A 56 1.37 -7.75 3.39
C THR A 56 2.42 -7.45 2.33
N THR A 57 1.98 -6.92 1.19
CA THR A 57 2.87 -6.57 0.09
C THR A 57 3.18 -5.08 0.05
N ARG A 58 3.28 -4.52 1.24
CA ARG A 58 3.56 -3.11 1.49
C ARG A 58 4.02 -2.94 2.91
N TYR A 59 5.09 -2.17 3.09
CA TYR A 59 5.62 -1.96 4.40
C TYR A 59 6.48 -0.69 4.48
N SER A 60 6.33 0.08 5.55
CA SER A 60 7.19 1.26 5.75
C SER A 60 8.31 0.94 6.71
N VAL A 61 9.54 1.10 6.22
CA VAL A 61 10.73 0.91 7.04
C VAL A 61 11.05 2.25 7.66
N ALA A 62 10.95 2.33 8.98
CA ALA A 62 11.32 3.50 9.75
C ALA A 62 12.54 3.15 10.57
N GLY A 63 12.91 3.90 11.61
CA GLY A 63 13.39 5.26 11.50
C GLY A 63 14.82 5.16 11.02
N LEU A 64 14.96 5.58 9.78
CA LEU A 64 16.21 5.66 9.07
C LEU A 64 16.75 7.05 9.33
N SER A 65 17.92 7.39 8.82
CA SER A 65 18.41 8.75 9.04
C SER A 65 18.21 9.56 7.79
N PRO A 66 18.10 10.90 7.93
CA PRO A 66 17.89 11.74 6.74
C PRO A 66 18.99 11.66 5.71
N TYR A 67 18.64 11.99 4.47
CA TYR A 67 19.59 12.14 3.36
C TYR A 67 20.61 11.00 3.31
N SER A 68 20.11 9.76 3.38
CA SER A 68 20.99 8.60 3.41
C SER A 68 20.57 7.57 2.35
N ASP A 69 21.56 6.88 1.81
CA ASP A 69 21.33 5.94 0.72
C ASP A 69 21.05 4.54 1.27
N TYR A 70 19.97 3.89 0.82
CA TYR A 70 19.59 2.60 1.38
C TYR A 70 19.31 1.55 0.30
N GLU A 71 19.59 0.29 0.63
CA GLU A 71 19.35 -0.87 -0.24
C GLU A 71 18.32 -1.78 0.39
N PHE A 72 17.36 -2.23 -0.41
CA PHE A 72 16.35 -3.12 0.11
C PHE A 72 16.17 -4.32 -0.83
N ARG A 73 15.76 -5.45 -0.26
CA ARG A 73 15.23 -6.60 -0.99
C ARG A 73 14.10 -7.19 -0.20
N VAL A 74 13.30 -8.04 -0.84
CA VAL A 74 12.21 -8.72 -0.16
C VAL A 74 12.34 -10.22 -0.39
N VAL A 75 12.00 -11.00 0.63
CA VAL A 75 12.02 -12.46 0.59
C VAL A 75 10.63 -13.00 0.94
N ALA A 76 10.17 -14.01 0.21
CA ALA A 76 8.89 -14.63 0.55
C ALA A 76 9.05 -15.91 1.36
N VAL A 77 8.10 -16.16 2.25
CA VAL A 77 8.06 -17.37 3.05
C VAL A 77 6.70 -18.06 2.88
N ASN A 78 6.71 -19.37 2.73
CA ASN A 78 5.48 -20.14 2.84
C ASN A 78 5.65 -21.32 3.79
N ASN A 79 4.67 -22.22 3.81
CA ASN A 79 4.72 -23.34 4.74
C ASN A 79 5.92 -24.27 4.50
N ILE A 80 6.41 -24.31 3.26
CA ILE A 80 7.56 -25.15 2.97
C ILE A 80 8.80 -24.47 3.58
N GLY A 81 8.94 -23.16 3.34
CA GLY A 81 10.05 -22.40 3.89
C GLY A 81 10.33 -21.10 3.15
N ARG A 82 11.60 -20.70 3.14
CA ARG A 82 12.00 -19.35 2.78
C ARG A 82 12.57 -19.39 1.36
N GLY A 83 12.04 -18.58 0.46
CA GLY A 83 12.58 -18.53 -0.90
C GLY A 83 13.78 -17.61 -1.04
N PRO A 84 14.32 -17.49 -2.26
CA PRO A 84 15.38 -16.52 -2.59
C PRO A 84 14.93 -15.06 -2.52
N ALA A 85 15.85 -14.16 -2.21
CA ALA A 85 15.54 -12.74 -2.12
C ALA A 85 15.27 -12.18 -3.49
N SER A 86 14.42 -11.16 -3.58
CA SER A 86 14.31 -10.43 -4.84
C SER A 86 15.63 -9.74 -5.23
N GLU A 87 15.64 -9.17 -6.43
CA GLU A 87 16.56 -8.10 -6.86
C GLU A 87 16.45 -6.81 -6.04
N PRO A 88 17.59 -6.28 -5.59
CA PRO A 88 17.55 -5.10 -4.71
C PRO A 88 17.00 -3.82 -5.36
N VAL A 89 16.55 -2.91 -4.51
CA VAL A 89 16.15 -1.58 -4.93
C VAL A 89 17.01 -0.57 -4.18
N LEU A 90 17.47 0.47 -4.87
CA LEU A 90 18.21 1.56 -4.23
C LEU A 90 17.38 2.82 -4.16
N THR A 91 17.56 3.55 -3.07
CA THR A 91 16.79 4.74 -2.80
C THR A 91 17.51 5.64 -1.79
N GLN A 92 16.86 6.74 -1.42
CA GLN A 92 17.46 7.72 -0.54
C GLN A 92 16.36 8.39 0.27
N THR A 93 16.57 8.52 1.57
CA THR A 93 15.65 9.26 2.41
C THR A 93 15.75 10.76 2.15
N SER A 94 14.67 11.46 2.50
CA SER A 94 14.58 12.88 2.24
C SER A 94 15.53 13.67 3.13
N GLU A 95 15.71 14.93 2.77
CA GLU A 95 16.52 15.85 3.57
C GLU A 95 15.69 16.43 4.70
N GLN A 96 16.36 16.95 5.72
CA GLN A 96 15.73 17.82 6.70
C GLN A 96 16.54 19.10 6.79
N ALA A 97 16.03 20.09 7.52
CA ALA A 97 16.88 21.18 8.02
C ALA A 97 18.01 20.57 8.85
N PRO A 98 19.18 21.24 8.93
CA PRO A 98 20.18 20.79 9.90
C PRO A 98 19.60 20.72 11.30
N SER A 99 19.98 19.72 12.08
CA SER A 99 19.55 19.67 13.48
C SER A 99 20.69 19.88 14.47
N SER A 100 21.77 20.53 14.05
CA SER A 100 22.75 21.04 15.00
C SER A 100 23.42 22.32 14.48
N ALA A 101 24.02 23.08 15.39
CA ALA A 101 24.66 24.34 15.05
C ALA A 101 26.02 24.14 14.41
N PRO A 102 26.43 25.09 13.55
CA PRO A 102 27.84 25.09 13.12
C PRO A 102 28.74 25.05 14.34
N ARG A 103 29.90 24.40 14.24
CA ARG A 103 30.74 24.18 15.41
C ARG A 103 31.91 25.16 15.45
N ASP A 104 32.47 25.37 16.64
CA ASP A 104 33.72 26.12 16.77
C ASP A 104 33.66 27.47 16.09
N VAL A 105 32.61 28.22 16.37
CA VAL A 105 32.42 29.49 15.68
C VAL A 105 33.38 30.47 16.33
N GLN A 106 34.14 31.16 15.48
CA GLN A 106 35.18 32.05 15.94
C GLN A 106 35.09 33.34 15.16
N ALA A 107 35.49 34.44 15.79
CA ALA A 107 35.58 35.71 15.09
C ALA A 107 36.74 36.52 15.64
N ARG A 108 37.43 37.21 14.74
CA ARG A 108 38.47 38.12 15.18
C ARG A 108 38.54 39.40 14.37
N MET A 109 39.02 40.44 15.02
CA MET A 109 39.17 41.74 14.39
C MET A 109 40.16 41.66 13.25
N LEU A 110 39.83 42.29 12.12
CA LEU A 110 40.82 42.52 11.08
C LEU A 110 41.20 44.00 11.08
N SER A 111 40.19 44.86 11.19
CA SER A 111 40.40 46.29 11.38
C SER A 111 39.36 46.81 12.37
N SER A 112 39.32 48.12 12.56
CA SER A 112 38.31 48.71 13.41
C SER A 112 36.92 48.61 12.76
N THR A 113 36.87 48.26 11.48
CA THR A 113 35.59 48.17 10.78
C THR A 113 35.26 46.81 10.16
N THR A 114 36.14 45.82 10.34
CA THR A 114 35.92 44.51 9.72
C THR A 114 36.41 43.36 10.58
N ILE A 115 35.68 42.25 10.52
CA ILE A 115 36.00 41.06 11.28
C ILE A 115 36.08 39.84 10.36
N LEU A 116 36.67 38.77 10.88
CA LEU A 116 36.75 37.51 10.18
C LEU A 116 35.96 36.49 10.97
N VAL A 117 34.98 35.87 10.33
CA VAL A 117 34.16 34.88 11.02
C VAL A 117 34.40 33.54 10.36
N GLN A 118 34.49 32.49 11.17
CA GLN A 118 34.68 31.16 10.63
C GLN A 118 34.07 30.11 11.54
N TRP A 119 33.83 28.94 10.96
CA TRP A 119 33.15 27.89 11.69
C TRP A 119 33.43 26.54 11.06
N LYS A 120 32.91 25.49 11.67
CA LYS A 120 33.01 24.16 11.09
C LYS A 120 31.61 23.64 10.80
N GLU A 121 31.50 22.73 9.84
CA GLU A 121 30.22 22.17 9.43
C GLU A 121 29.49 21.52 10.61
N PRO A 122 28.16 21.70 10.68
CA PRO A 122 27.41 21.00 11.72
C PRO A 122 27.50 19.47 11.60
N GLU A 123 27.52 18.76 12.72
CA GLU A 123 27.55 17.30 12.73
C GLU A 123 26.29 16.67 12.18
N GLU A 124 25.20 17.42 12.21
CA GLU A 124 23.92 16.87 11.78
C GLU A 124 23.30 17.71 10.67
N PRO A 125 23.89 17.68 9.46
CA PRO A 125 23.43 18.54 8.37
C PRO A 125 22.07 18.08 7.84
N ASN A 126 21.84 16.77 7.87
CA ASN A 126 20.60 16.15 7.41
C ASN A 126 20.30 16.45 5.94
N GLY A 127 21.33 16.73 5.16
CA GLY A 127 21.15 17.12 3.77
C GLY A 127 22.37 17.86 3.27
N GLN A 128 22.33 18.28 2.01
CA GLN A 128 23.40 19.10 1.45
C GLN A 128 23.32 20.51 2.02
N ILE A 129 24.44 21.00 2.56
CA ILE A 129 24.49 22.36 3.06
C ILE A 129 24.52 23.30 1.87
N GLN A 130 23.52 24.16 1.77
CA GLN A 130 23.40 25.07 0.65
C GLN A 130 24.05 26.39 0.99
N GLY A 131 24.09 26.71 2.28
CA GLY A 131 24.85 27.86 2.72
C GLY A 131 24.78 28.07 4.22
N TYR A 132 25.23 29.24 4.64
CA TYR A 132 25.20 29.67 6.03
C TYR A 132 24.70 31.08 6.11
N ARG A 133 24.12 31.42 7.25
CA ARG A 133 23.70 32.78 7.48
C ARG A 133 24.34 33.26 8.78
N VAL A 134 25.00 34.41 8.69
CA VAL A 134 25.78 34.94 9.80
C VAL A 134 25.02 36.12 10.37
N TYR A 135 24.66 36.02 11.64
CA TYR A 135 23.90 37.08 12.30
C TYR A 135 24.84 37.85 13.22
N TYR A 136 24.74 39.17 13.20
CA TYR A 136 25.63 39.99 14.02
C TYR A 136 24.93 41.29 14.43
N THR A 137 25.26 41.79 15.62
CA THR A 137 24.59 42.98 16.12
C THR A 137 25.43 43.60 17.24
N MET A 138 25.11 44.84 17.58
CA MET A 138 25.64 45.50 18.77
C MET A 138 24.71 45.34 19.97
N ASP A 139 23.49 44.88 19.72
CA ASP A 139 22.54 44.63 20.82
C ASP A 139 21.97 43.22 20.74
N PRO A 140 22.59 42.29 21.48
CA PRO A 140 22.15 40.88 21.36
C PRO A 140 20.88 40.55 22.13
N THR A 141 20.26 41.53 22.80
CA THR A 141 18.95 41.31 23.39
C THR A 141 17.84 41.25 22.33
N GLN A 142 18.15 41.75 21.13
CA GLN A 142 17.20 41.74 20.02
C GLN A 142 16.87 40.33 19.55
N HIS A 143 15.66 40.15 19.02
CA HIS A 143 15.36 38.92 18.29
C HIS A 143 16.34 38.80 17.13
N VAL A 144 16.74 37.57 16.83
CA VAL A 144 17.76 37.32 15.82
C VAL A 144 17.32 37.84 14.46
N ASN A 145 16.03 37.78 14.18
CA ASN A 145 15.53 38.28 12.90
C ASN A 145 15.73 39.79 12.74
N ASN A 146 15.93 40.53 13.83
CA ASN A 146 16.31 41.94 13.71
C ASN A 146 17.81 42.23 13.85
N TRP A 147 18.64 41.20 13.90
CA TRP A 147 20.09 41.40 13.85
C TRP A 147 20.45 41.71 12.41
N MET A 148 21.63 42.26 12.19
CA MET A 148 22.15 42.31 10.83
C MET A 148 22.48 40.89 10.35
N LYS A 149 22.44 40.68 9.04
CA LYS A 149 22.52 39.35 8.47
C LYS A 149 23.37 39.35 7.21
N HIS A 150 24.17 38.30 7.05
CA HIS A 150 24.96 38.15 5.84
C HIS A 150 24.83 36.69 5.43
N ASN A 151 24.35 36.48 4.21
CA ASN A 151 24.25 35.14 3.65
C ASN A 151 25.49 34.71 2.91
N VAL A 152 25.83 33.45 3.08
CA VAL A 152 27.02 32.89 2.48
C VAL A 152 26.65 31.57 1.77
N ALA A 153 27.39 31.23 0.72
CA ALA A 153 27.34 29.92 0.09
C ALA A 153 27.98 28.87 1.00
N ASP A 154 28.00 27.61 0.57
CA ASP A 154 28.69 26.57 1.34
C ASP A 154 30.16 26.97 1.45
N SER A 155 30.57 27.23 2.68
CA SER A 155 31.91 27.74 3.00
C SER A 155 32.10 27.71 4.50
N GLN A 156 33.33 27.90 4.97
CA GLN A 156 33.57 27.88 6.40
C GLN A 156 34.14 29.20 6.97
N ILE A 157 34.33 30.20 6.12
CA ILE A 157 34.92 31.46 6.58
C ILE A 157 34.40 32.64 5.77
N THR A 158 34.17 33.77 6.42
CA THR A 158 33.75 34.98 5.73
C THR A 158 34.23 36.23 6.45
N THR A 159 34.26 37.35 5.75
CA THR A 159 34.63 38.60 6.38
C THR A 159 33.37 39.44 6.39
N ILE A 160 33.27 40.32 7.39
CA ILE A 160 32.15 41.24 7.44
C ILE A 160 32.66 42.65 7.72
N GLY A 161 32.25 43.61 6.90
CA GLY A 161 32.76 44.96 7.03
C GLY A 161 31.68 45.96 7.42
N ASN A 162 32.03 47.23 7.27
CA ASN A 162 31.16 48.35 7.62
C ASN A 162 30.68 48.31 9.07
N LEU A 163 31.57 47.88 9.96
CA LEU A 163 31.22 47.74 11.36
C LEU A 163 31.65 49.03 12.06
N VAL A 164 30.99 49.40 13.14
CA VAL A 164 31.39 50.64 13.83
C VAL A 164 32.49 50.28 14.85
N PRO A 165 33.53 51.09 14.90
CA PRO A 165 34.73 50.84 15.72
C PRO A 165 34.50 50.88 17.22
N GLN A 166 35.26 50.06 17.95
CA GLN A 166 35.26 50.06 19.41
C GLN A 166 33.95 49.55 19.99
N LYS A 167 33.39 48.52 19.35
CA LYS A 167 32.11 47.98 19.77
C LYS A 167 32.20 46.47 19.93
N THR A 168 31.43 45.94 20.87
CA THR A 168 31.27 44.50 20.97
C THR A 168 30.16 44.06 20.04
N TYR A 169 30.54 43.25 19.05
CA TYR A 169 29.58 42.61 18.17
C TYR A 169 29.35 41.17 18.59
N SER A 170 28.07 40.82 18.74
CA SER A 170 27.73 39.44 19.03
C SER A 170 27.52 38.79 17.68
N VAL A 171 27.90 37.52 17.57
CA VAL A 171 27.80 36.79 16.30
C VAL A 171 27.23 35.40 16.47
N LYS A 172 26.29 35.03 15.60
CA LYS A 172 25.66 33.72 15.62
C LYS A 172 25.58 33.21 14.19
N VAL A 173 25.77 31.91 13.99
CA VAL A 173 25.80 31.36 12.63
C VAL A 173 24.87 30.15 12.55
N LEU A 174 24.06 30.05 11.50
CA LEU A 174 23.35 28.81 11.20
C LEU A 174 23.69 28.29 9.82
N ALA A 175 23.50 26.99 9.62
CA ALA A 175 23.54 26.37 8.30
C ALA A 175 22.12 26.12 7.77
N PHE A 176 21.95 26.13 6.46
CA PHE A 176 20.66 25.74 5.88
C PHE A 176 20.83 24.75 4.72
N THR A 177 19.87 23.83 4.64
CA THR A 177 19.70 22.96 3.50
C THR A 177 18.59 23.53 2.64
N SER A 178 18.30 22.87 1.53
CA SER A 178 17.07 23.13 0.78
C SER A 178 15.81 23.09 1.62
N ILE A 179 15.74 22.21 2.62
CA ILE A 179 14.54 22.13 3.43
C ILE A 179 14.33 23.36 4.32
N GLY A 180 15.41 23.86 4.93
CA GLY A 180 15.26 24.94 5.89
C GLY A 180 16.51 25.31 6.68
N ASP A 181 16.35 26.29 7.57
CA ASP A 181 17.43 26.77 8.42
C ASP A 181 17.68 25.81 9.58
N GLY A 182 18.95 25.53 9.88
CA GLY A 182 19.27 24.83 11.12
C GLY A 182 19.34 25.76 12.31
N PRO A 183 19.80 25.24 13.45
CA PRO A 183 19.88 26.08 14.66
C PRO A 183 21.06 27.04 14.62
N LEU A 184 20.94 28.16 15.33
CA LEU A 184 22.03 29.11 15.56
C LEU A 184 23.02 28.68 16.62
N SER A 185 24.31 28.85 16.34
CA SER A 185 25.34 28.74 17.37
C SER A 185 25.05 29.70 18.52
N SER A 186 25.47 29.34 19.72
CA SER A 186 25.36 30.24 20.86
C SER A 186 26.34 31.40 20.67
N ASP A 187 25.98 32.55 21.24
CA ASP A 187 26.65 33.81 20.96
C ASP A 187 28.15 33.74 21.21
N ILE A 188 28.93 34.27 20.28
CA ILE A 188 30.31 34.67 20.58
C ILE A 188 30.41 36.19 20.47
N GLN A 189 31.47 36.76 21.01
CA GLN A 189 31.65 38.20 20.93
C GLN A 189 33.00 38.53 20.31
N VAL A 190 33.02 39.62 19.55
CA VAL A 190 34.25 40.10 18.95
C VAL A 190 34.23 41.61 19.00
N ILE A 191 35.38 42.20 19.28
CA ILE A 191 35.42 43.63 19.53
C ILE A 191 36.23 44.30 18.44
N THR A 192 35.68 45.40 17.93
CA THR A 192 36.27 46.10 16.81
C THR A 192 37.32 47.11 17.29
N LEU A 193 38.42 46.57 17.81
CA LEU A 193 39.48 47.32 18.47
C LEU A 193 40.78 46.99 17.76
N GLU A 194 41.52 48.00 17.29
CA GLU A 194 42.78 47.73 16.61
C GLU A 194 43.93 47.54 17.59
N ALA B 2 -7.22 26.10 4.39
CA ALA B 2 -8.56 25.81 3.86
C ALA B 2 -8.85 24.31 3.93
N LEU B 3 -10.11 23.95 3.67
CA LEU B 3 -10.50 22.56 3.59
C LEU B 3 -9.70 21.83 2.51
N PRO B 4 -9.54 20.50 2.64
CA PRO B 4 -8.88 19.74 1.57
C PRO B 4 -9.62 19.81 0.24
N LYS B 5 -8.89 19.71 -0.85
CA LYS B 5 -9.50 19.49 -2.15
C LYS B 5 -9.77 17.99 -2.29
N PRO B 6 -10.57 17.58 -3.29
CA PRO B 6 -10.84 16.15 -3.44
C PRO B 6 -9.57 15.36 -3.76
N PRO B 7 -9.42 14.15 -3.18
CA PRO B 7 -8.27 13.33 -3.56
C PRO B 7 -8.31 12.98 -5.05
N GLY B 8 -7.21 12.45 -5.56
CA GLY B 8 -7.19 11.96 -6.93
C GLY B 8 -8.12 10.77 -7.10
N THR B 9 -8.56 10.53 -8.34
CA THR B 9 -9.42 9.40 -8.63
C THR B 9 -8.66 8.16 -8.18
N PRO B 10 -9.30 7.35 -7.33
CA PRO B 10 -8.68 6.13 -6.80
C PRO B 10 -8.44 5.05 -7.86
N VAL B 11 -7.37 4.29 -7.64
CA VAL B 11 -6.94 3.29 -8.60
C VAL B 11 -7.02 1.93 -7.91
N VAL B 12 -7.61 0.97 -8.61
CA VAL B 12 -7.66 -0.40 -8.13
C VAL B 12 -6.36 -1.10 -8.48
N THR B 13 -5.62 -1.60 -7.50
CA THR B 13 -4.35 -2.21 -7.86
C THR B 13 -4.35 -3.68 -7.52
N GLU B 14 -5.36 -4.09 -6.76
CA GLU B 14 -5.63 -5.50 -6.49
C GLU B 14 -7.11 -5.81 -6.34
N SER B 15 -7.54 -6.98 -6.77
CA SER B 15 -8.88 -7.40 -6.41
C SER B 15 -8.80 -8.90 -6.14
N THR B 16 -9.59 -9.34 -5.17
CA THR B 16 -9.84 -10.75 -4.94
C THR B 16 -11.33 -11.01 -4.87
N ALA B 17 -11.72 -12.25 -4.60
CA ALA B 17 -13.13 -12.56 -4.41
C ALA B 17 -13.80 -11.79 -3.28
N THR B 18 -13.02 -11.35 -2.29
CA THR B 18 -13.61 -10.74 -1.11
C THR B 18 -12.91 -9.45 -0.70
N SER B 19 -12.02 -8.92 -1.55
CA SER B 19 -11.36 -7.67 -1.20
C SER B 19 -11.03 -6.85 -2.44
N ILE B 20 -10.89 -5.54 -2.25
CA ILE B 20 -10.38 -4.65 -3.28
C ILE B 20 -9.36 -3.69 -2.69
N THR B 21 -8.20 -3.60 -3.33
CA THR B 21 -7.15 -2.72 -2.83
C THR B 21 -7.09 -1.44 -3.67
N LEU B 22 -7.17 -0.31 -2.99
CA LEU B 22 -7.23 0.99 -3.64
C LEU B 22 -5.96 1.78 -3.36
N THR B 23 -5.52 2.58 -4.33
CA THR B 23 -4.49 3.60 -4.08
C THR B 23 -4.92 4.93 -4.68
N TRP B 24 -4.50 6.04 -4.10
CA TRP B 24 -4.91 7.34 -4.63
C TRP B 24 -3.84 8.41 -4.39
N ASP B 25 -3.90 9.44 -5.22
CA ASP B 25 -3.15 10.67 -4.99
C ASP B 25 -3.87 11.59 -3.99
N SER B 26 -3.10 12.33 -3.21
CA SER B 26 -3.69 13.17 -2.17
C SER B 26 -4.60 14.26 -2.76
N GLY B 27 -4.32 14.67 -4.00
CA GLY B 27 -5.04 15.77 -4.62
C GLY B 27 -4.81 17.14 -3.99
N ASN B 28 -3.92 17.21 -2.99
CA ASN B 28 -3.76 18.42 -2.19
C ASN B 28 -2.34 19.02 -2.16
N PRO B 29 -2.24 20.35 -2.27
CA PRO B 29 -1.00 21.11 -2.10
C PRO B 29 -0.41 20.98 -0.69
N GLU B 30 -1.27 21.08 0.32
CA GLU B 30 -0.84 20.97 1.72
C GLU B 30 -1.08 19.55 2.24
N PRO B 31 -0.50 19.22 3.41
CA PRO B 31 -0.70 17.86 3.95
C PRO B 31 -2.11 17.54 4.42
N VAL B 32 -2.51 16.30 4.20
CA VAL B 32 -3.80 15.79 4.65
C VAL B 32 -3.56 15.03 5.95
N SER B 33 -4.48 15.13 6.91
CA SER B 33 -4.38 14.35 8.15
C SER B 33 -4.63 12.85 7.99
N TYR B 34 -5.68 12.49 7.26
CA TYR B 34 -6.09 11.10 7.05
C TYR B 34 -7.23 11.07 6.03
N TYR B 35 -7.66 9.87 5.64
CA TYR B 35 -8.69 9.74 4.62
C TYR B 35 -9.88 8.90 5.09
N ILE B 36 -10.98 9.03 4.33
CA ILE B 36 -12.16 8.22 4.58
C ILE B 36 -12.53 7.57 3.26
N ILE B 37 -12.70 6.26 3.27
CA ILE B 37 -13.12 5.54 2.08
C ILE B 37 -14.61 5.27 2.13
N GLN B 38 -15.30 5.68 1.06
CA GLN B 38 -16.72 5.46 0.89
C GLN B 38 -16.93 4.29 -0.08
N HIS B 39 -17.81 3.36 0.29
CA HIS B 39 -18.05 2.19 -0.55
C HIS B 39 -19.50 1.75 -0.47
N LYS B 40 -20.02 1.26 -1.59
CA LYS B 40 -21.33 0.63 -1.63
C LYS B 40 -21.41 -0.25 -2.87
N PRO B 41 -22.38 -1.19 -2.90
CA PRO B 41 -22.68 -1.94 -4.13
C PRO B 41 -23.07 -0.98 -5.24
N LYS B 42 -22.71 -1.28 -6.49
CA LYS B 42 -23.00 -0.37 -7.58
C LYS B 42 -24.45 0.09 -7.64
N ASN B 43 -25.38 -0.85 -7.49
CA ASN B 43 -26.79 -0.50 -7.67
C ASN B 43 -27.56 -0.43 -6.36
N SER B 44 -26.85 -0.29 -5.25
CA SER B 44 -27.46 0.10 -3.98
C SER B 44 -27.88 1.54 -3.76
N GLU B 45 -29.02 1.68 -3.10
CA GLU B 45 -29.52 2.97 -2.65
C GLU B 45 -29.37 3.04 -1.14
N GLU B 46 -28.79 2.00 -0.53
CA GLU B 46 -28.51 2.11 0.88
C GLU B 46 -27.36 3.11 0.91
N PRO B 47 -27.21 3.84 2.02
CA PRO B 47 -26.12 4.83 2.16
C PRO B 47 -24.76 4.17 2.08
N TYR B 48 -23.77 4.89 1.55
CA TYR B 48 -22.41 4.39 1.56
C TYR B 48 -21.98 4.00 2.96
N LYS B 49 -21.20 2.94 3.09
CA LYS B 49 -20.42 2.78 4.30
C LYS B 49 -19.14 3.59 4.20
N GLU B 50 -18.56 3.88 5.35
CA GLU B 50 -17.41 4.75 5.43
C GLU B 50 -16.39 4.03 6.29
N ILE B 51 -15.15 4.00 5.85
CA ILE B 51 -14.08 3.52 6.70
C ILE B 51 -13.27 4.74 7.11
N ASP B 52 -13.35 5.08 8.39
CA ASP B 52 -12.71 6.27 8.93
C ASP B 52 -11.24 6.06 9.25
N GLY B 53 -10.50 7.15 9.30
CA GLY B 53 -9.19 7.18 9.93
C GLY B 53 -8.16 6.35 9.19
N ILE B 54 -8.08 6.51 7.88
CA ILE B 54 -7.05 5.82 7.10
C ILE B 54 -5.85 6.72 6.88
N ALA B 55 -4.73 6.33 7.49
CA ALA B 55 -3.56 7.20 7.59
C ALA B 55 -2.58 7.09 6.41
N THR B 56 -2.99 6.42 5.33
CA THR B 56 -2.12 6.28 4.16
C THR B 56 -2.89 6.41 2.84
N THR B 57 -2.17 6.34 1.72
CA THR B 57 -2.78 6.43 0.40
C THR B 57 -2.97 5.09 -0.33
N ARG B 58 -3.28 4.05 0.44
CA ARG B 58 -3.51 2.68 -0.02
C ARG B 58 -4.21 1.93 1.08
N TYR B 59 -5.23 1.19 0.72
CA TYR B 59 -5.98 0.45 1.70
C TYR B 59 -6.73 -0.69 1.05
N SER B 60 -6.73 -1.85 1.71
CA SER B 60 -7.50 -2.98 1.21
C SER B 60 -8.80 -3.08 1.97
N VAL B 61 -9.90 -2.97 1.23
CA VAL B 61 -11.23 -3.10 1.77
C VAL B 61 -11.61 -4.58 1.66
N ALA B 62 -11.80 -5.21 2.81
CA ALA B 62 -12.25 -6.60 2.90
C ALA B 62 -13.65 -6.55 3.49
N GLY B 63 -14.20 -7.65 4.00
CA GLY B 63 -14.59 -8.80 3.21
C GLY B 63 -15.89 -8.49 2.50
N LEU B 64 -15.73 -8.33 1.20
CA LEU B 64 -16.79 -8.08 0.24
C LEU B 64 -17.31 -9.42 -0.27
N SER B 65 -18.31 -9.41 -1.13
CA SER B 65 -18.80 -10.69 -1.65
C SER B 65 -18.27 -10.91 -3.07
N PRO B 66 -18.17 -12.19 -3.47
CA PRO B 66 -17.66 -12.49 -4.80
C PRO B 66 -18.49 -11.94 -5.95
N TYR B 67 -17.82 -11.75 -7.09
CA TYR B 67 -18.44 -11.40 -8.35
C TYR B 67 -19.46 -10.28 -8.15
N SER B 68 -19.05 -9.21 -7.45
CA SER B 68 -19.96 -8.11 -7.14
C SER B 68 -19.37 -6.75 -7.51
N ASP B 69 -20.26 -5.85 -7.93
CA ASP B 69 -19.87 -4.53 -8.40
C ASP B 69 -19.86 -3.52 -7.27
N TYR B 70 -18.77 -2.78 -7.14
CA TYR B 70 -18.64 -1.85 -6.04
C TYR B 70 -18.21 -0.49 -6.54
N GLU B 71 -18.66 0.52 -5.83
CA GLU B 71 -18.32 1.88 -6.14
C GLU B 71 -17.52 2.38 -4.96
N PHE B 72 -16.41 3.05 -5.22
CA PHE B 72 -15.62 3.59 -4.13
C PHE B 72 -15.33 5.03 -4.41
N ARG B 73 -15.18 5.75 -3.32
CA ARG B 73 -14.61 7.09 -3.36
C ARG B 73 -13.72 7.30 -2.15
N VAL B 74 -12.89 8.33 -2.23
CA VAL B 74 -12.02 8.70 -1.13
C VAL B 74 -12.23 10.18 -0.80
N VAL B 75 -12.15 10.48 0.49
CA VAL B 75 -12.29 11.83 1.00
C VAL B 75 -11.04 12.18 1.78
N ALA B 76 -10.53 13.40 1.62
CA ALA B 76 -9.39 13.78 2.42
C ALA B 76 -9.89 14.60 3.60
N VAL B 77 -9.22 14.45 4.72
CA VAL B 77 -9.51 15.22 5.93
C VAL B 77 -8.29 15.93 6.47
N ASN B 78 -8.44 17.19 6.87
CA ASN B 78 -7.38 17.78 7.66
C ASN B 78 -7.96 18.42 8.92
N ASN B 79 -7.15 19.17 9.65
CA ASN B 79 -7.56 19.77 10.91
C ASN B 79 -8.71 20.77 10.77
N ILE B 80 -8.83 21.39 9.60
CA ILE B 80 -9.89 22.35 9.35
C ILE B 80 -11.15 21.52 9.25
N GLY B 81 -11.09 20.44 8.47
CA GLY B 81 -12.21 19.55 8.34
C GLY B 81 -12.20 18.68 7.10
N ARG B 82 -13.39 18.34 6.62
CA ARG B 82 -13.55 17.25 5.68
C ARG B 82 -13.79 17.85 4.30
N GLY B 83 -12.97 17.49 3.32
CA GLY B 83 -13.18 17.98 1.96
C GLY B 83 -14.20 17.20 1.16
N PRO B 84 -14.43 17.61 -0.10
CA PRO B 84 -15.26 16.83 -1.04
C PRO B 84 -14.66 15.48 -1.44
N ALA B 85 -15.50 14.49 -1.73
CA ALA B 85 -15.02 13.16 -2.14
C ALA B 85 -14.44 13.25 -3.55
N SER B 86 -13.45 12.43 -3.90
CA SER B 86 -13.06 12.34 -5.32
C SER B 86 -14.19 11.80 -6.18
N GLU B 87 -13.95 11.79 -7.48
CA GLU B 87 -14.65 10.96 -8.45
C GLU B 87 -14.54 9.45 -8.19
N PRO B 88 -15.69 8.75 -8.21
CA PRO B 88 -15.76 7.33 -7.88
C PRO B 88 -15.00 6.46 -8.85
N VAL B 89 -14.67 5.27 -8.37
CA VAL B 89 -14.11 4.23 -9.20
C VAL B 89 -15.08 3.07 -9.10
N LEU B 90 -15.34 2.43 -10.23
CA LEU B 90 -16.18 1.25 -10.19
C LEU B 90 -15.30 0.05 -10.42
N THR B 91 -15.65 -1.04 -9.76
CA THR B 91 -14.82 -2.23 -9.83
C THR B 91 -15.61 -3.47 -9.48
N GLN B 92 -14.94 -4.62 -9.48
CA GLN B 92 -15.64 -5.88 -9.27
C GLN B 92 -14.71 -6.88 -8.60
N THR B 93 -15.23 -7.56 -7.58
CA THR B 93 -14.50 -8.65 -6.95
C THR B 93 -14.44 -9.87 -7.86
N SER B 94 -13.44 -10.71 -7.58
CA SER B 94 -13.14 -11.89 -8.37
C SER B 94 -14.25 -12.91 -8.17
N GLU B 95 -14.25 -13.93 -9.03
CA GLU B 95 -15.23 -15.00 -8.89
C GLU B 95 -14.80 -16.04 -7.86
N GLN B 96 -15.75 -16.82 -7.37
CA GLN B 96 -15.44 -18.04 -6.63
C GLN B 96 -16.22 -19.19 -7.26
N ALA B 97 -15.95 -20.42 -6.84
CA ALA B 97 -16.92 -21.50 -7.06
C ALA B 97 -18.28 -21.13 -6.49
N PRO B 98 -19.37 -21.65 -7.07
CA PRO B 98 -20.68 -21.47 -6.41
C PRO B 98 -20.65 -21.97 -4.97
N SER B 99 -21.33 -21.28 -4.06
CA SER B 99 -21.46 -21.77 -2.70
C SER B 99 -22.89 -22.19 -2.33
N SER B 100 -23.71 -22.52 -3.31
CA SER B 100 -24.97 -23.22 -3.03
C SER B 100 -25.34 -24.14 -4.19
N ALA B 101 -26.21 -25.10 -3.91
CA ALA B 101 -26.64 -26.07 -4.91
C ALA B 101 -27.67 -25.51 -5.87
N PRO B 102 -27.69 -26.02 -7.11
CA PRO B 102 -28.83 -25.71 -7.99
C PRO B 102 -30.15 -26.03 -7.30
N ARG B 103 -31.19 -25.26 -7.61
CA ARG B 103 -32.46 -25.34 -6.90
C ARG B 103 -33.51 -26.10 -7.72
N ASP B 104 -34.52 -26.64 -7.04
CA ASP B 104 -35.68 -27.23 -7.71
C ASP B 104 -35.31 -28.27 -8.77
N VAL B 105 -34.47 -29.21 -8.38
CA VAL B 105 -33.96 -30.20 -9.32
C VAL B 105 -35.05 -31.22 -9.55
N GLN B 106 -35.30 -31.49 -10.82
CA GLN B 106 -36.40 -32.35 -11.22
C GLN B 106 -35.91 -33.32 -12.27
N ALA B 107 -36.51 -34.50 -12.29
CA ALA B 107 -36.23 -35.48 -13.34
C ALA B 107 -37.49 -36.27 -13.63
N ARG B 108 -37.69 -36.55 -14.92
CA ARG B 108 -38.78 -37.42 -15.37
C ARG B 108 -38.35 -38.31 -16.53
N MET B 109 -39.01 -39.46 -16.64
CA MET B 109 -38.73 -40.42 -17.70
C MET B 109 -39.05 -39.84 -19.09
N LEU B 110 -38.15 -40.06 -20.04
CA LEU B 110 -38.42 -39.82 -21.46
C LEU B 110 -38.60 -41.12 -22.25
N SER B 111 -37.73 -42.09 -21.97
CA SER B 111 -37.89 -43.43 -22.53
C SER B 111 -37.55 -44.44 -21.46
N SER B 112 -37.54 -45.72 -21.82
CA SER B 112 -37.12 -46.74 -20.88
C SER B 112 -35.62 -46.69 -20.59
N THR B 113 -34.91 -45.92 -21.40
CA THR B 113 -33.47 -45.76 -21.28
C THR B 113 -32.97 -44.31 -21.13
N THR B 114 -33.89 -43.35 -21.04
CA THR B 114 -33.50 -41.94 -20.96
C THR B 114 -34.40 -41.08 -20.09
N ILE B 115 -33.79 -40.10 -19.42
CA ILE B 115 -34.50 -39.20 -18.54
C ILE B 115 -34.26 -37.74 -18.89
N LEU B 116 -35.10 -36.88 -18.35
CA LEU B 116 -34.96 -35.44 -18.51
C LEU B 116 -34.69 -34.82 -17.15
N VAL B 117 -33.58 -34.12 -17.04
CA VAL B 117 -33.22 -33.50 -15.77
C VAL B 117 -33.23 -32.00 -15.99
N GLN B 118 -33.74 -31.28 -14.99
CA GLN B 118 -33.77 -29.82 -15.07
C GLN B 118 -33.70 -29.19 -13.68
N TRP B 119 -33.30 -27.92 -13.65
CA TRP B 119 -33.06 -27.21 -12.39
C TRP B 119 -33.11 -25.70 -12.56
N LYS B 120 -32.94 -24.99 -11.44
CA LYS B 120 -32.83 -23.55 -11.47
C LYS B 120 -31.45 -23.15 -10.95
N GLU B 121 -30.99 -21.97 -11.37
CA GLU B 121 -29.67 -21.47 -10.99
C GLU B 121 -29.48 -21.40 -9.48
N PRO B 122 -28.28 -21.75 -8.99
CA PRO B 122 -28.02 -21.58 -7.55
C PRO B 122 -28.14 -20.12 -7.13
N GLU B 123 -28.63 -19.89 -5.92
CA GLU B 123 -28.76 -18.55 -5.39
C GLU B 123 -27.39 -17.89 -5.16
N GLU B 124 -26.34 -18.69 -4.99
CA GLU B 124 -25.02 -18.13 -4.69
C GLU B 124 -24.01 -18.58 -5.76
N PRO B 125 -24.14 -18.06 -6.99
CA PRO B 125 -23.29 -18.52 -8.08
C PRO B 125 -21.85 -18.06 -7.91
N ASN B 126 -21.67 -16.88 -7.32
CA ASN B 126 -20.35 -16.29 -7.07
C ASN B 126 -19.52 -16.08 -8.33
N GLY B 127 -20.18 -15.94 -9.47
CA GLY B 127 -19.50 -15.85 -10.73
C GLY B 127 -20.40 -16.19 -11.89
N GLN B 128 -19.85 -16.12 -13.10
CA GLN B 128 -20.61 -16.56 -14.26
C GLN B 128 -20.68 -18.07 -14.24
N ILE B 129 -21.90 -18.61 -14.36
CA ILE B 129 -22.08 -20.05 -14.43
C ILE B 129 -21.64 -20.53 -15.80
N GLN B 130 -20.65 -21.42 -15.81
CA GLN B 130 -20.10 -21.91 -17.06
C GLN B 130 -20.79 -23.20 -17.47
N GLY B 131 -21.29 -23.93 -16.49
CA GLY B 131 -22.14 -25.07 -16.77
C GLY B 131 -22.63 -25.79 -15.53
N TYR B 132 -23.14 -26.99 -15.74
CA TYR B 132 -23.62 -27.83 -14.65
C TYR B 132 -23.14 -29.25 -14.86
N ARG B 133 -23.00 -29.98 -13.76
CA ARG B 133 -22.64 -31.39 -13.83
C ARG B 133 -23.64 -32.27 -13.10
N VAL B 134 -24.13 -33.29 -13.79
CA VAL B 134 -25.17 -34.16 -13.26
C VAL B 134 -24.60 -35.51 -12.88
N TYR B 135 -24.73 -35.85 -11.60
CA TYR B 135 -24.22 -37.10 -11.06
C TYR B 135 -25.43 -37.99 -10.88
N TYR B 136 -25.27 -39.25 -11.29
CA TYR B 136 -26.34 -40.22 -11.22
C TYR B 136 -25.83 -41.64 -11.04
N THR B 137 -26.62 -42.46 -10.35
CA THR B 137 -26.21 -43.83 -10.07
C THR B 137 -27.42 -44.68 -9.71
N MET B 138 -27.24 -45.99 -9.75
CA MET B 138 -28.19 -46.96 -9.21
C MET B 138 -27.84 -47.37 -7.77
N ASP B 139 -26.65 -47.01 -7.34
CA ASP B 139 -26.25 -47.30 -5.97
C ASP B 139 -25.77 -46.03 -5.30
N PRO B 140 -26.68 -45.36 -4.57
CA PRO B 140 -26.32 -44.07 -3.98
C PRO B 140 -25.49 -44.19 -2.70
N THR B 141 -25.16 -45.41 -2.28
CA THR B 141 -24.21 -45.56 -1.19
C THR B 141 -22.77 -45.27 -1.63
N GLN B 142 -22.52 -45.26 -2.94
CA GLN B 142 -21.18 -44.96 -3.45
C GLN B 142 -20.83 -43.52 -3.12
N HIS B 143 -19.56 -43.23 -2.95
CA HIS B 143 -19.11 -41.85 -2.94
C HIS B 143 -19.46 -41.16 -4.26
N VAL B 144 -19.82 -39.89 -4.17
CA VAL B 144 -20.29 -39.14 -5.33
C VAL B 144 -19.27 -39.04 -6.45
N ASN B 145 -17.99 -38.96 -6.11
CA ASN B 145 -16.93 -38.88 -7.11
C ASN B 145 -16.87 -40.16 -7.95
N ASN B 146 -17.44 -41.23 -7.41
CA ASN B 146 -17.61 -42.47 -8.16
C ASN B 146 -18.99 -42.69 -8.81
N TRP B 147 -19.85 -41.68 -8.79
CA TRP B 147 -21.11 -41.77 -9.53
C TRP B 147 -20.80 -41.56 -10.99
N MET B 148 -21.76 -41.93 -11.84
CA MET B 148 -21.72 -41.55 -13.24
C MET B 148 -21.93 -40.05 -13.35
N LYS B 149 -21.42 -39.45 -14.42
CA LYS B 149 -21.37 -38.00 -14.55
C LYS B 149 -21.70 -37.56 -15.96
N HIS B 150 -22.46 -36.46 -16.03
CA HIS B 150 -22.81 -35.85 -17.29
C HIS B 150 -22.62 -34.34 -17.15
N ASN B 151 -21.79 -33.79 -18.03
CA ASN B 151 -21.56 -32.35 -18.09
C ASN B 151 -22.52 -31.64 -19.01
N VAL B 152 -22.96 -30.45 -18.61
CA VAL B 152 -23.91 -29.72 -19.42
C VAL B 152 -23.33 -28.32 -19.54
N ALA B 153 -23.62 -27.64 -20.65
CA ALA B 153 -23.33 -26.22 -20.77
C ALA B 153 -24.27 -25.39 -19.92
N ASP B 154 -24.07 -24.07 -19.93
CA ASP B 154 -25.02 -23.22 -19.25
C ASP B 154 -26.36 -23.40 -19.93
N SER B 155 -27.27 -23.97 -19.15
CA SER B 155 -28.59 -24.37 -19.57
C SER B 155 -29.26 -24.75 -18.28
N GLN B 156 -30.56 -24.95 -18.29
CA GLN B 156 -31.25 -25.29 -17.08
C GLN B 156 -31.86 -26.67 -17.23
N ILE B 157 -31.62 -27.30 -18.38
CA ILE B 157 -32.22 -28.60 -18.68
C ILE B 157 -31.32 -29.45 -19.59
N THR B 158 -31.29 -30.77 -19.35
CA THR B 158 -30.53 -31.72 -20.16
C THR B 158 -31.17 -33.11 -20.17
N THR B 159 -30.81 -33.93 -21.15
CA THR B 159 -31.30 -35.31 -21.18
C THR B 159 -30.11 -36.24 -20.93
N ILE B 160 -30.38 -37.41 -20.35
CA ILE B 160 -29.35 -38.43 -20.14
C ILE B 160 -29.82 -39.80 -20.60
N GLY B 161 -29.03 -40.47 -21.42
CA GLY B 161 -29.45 -41.74 -21.98
C GLY B 161 -28.62 -42.94 -21.54
N ASN B 162 -28.79 -44.03 -22.26
CA ASN B 162 -28.13 -45.32 -22.01
C ASN B 162 -28.35 -45.88 -20.60
N LEU B 163 -29.54 -45.68 -20.05
CA LEU B 163 -29.83 -46.11 -18.69
C LEU B 163 -30.50 -47.49 -18.77
N VAL B 164 -30.37 -48.31 -17.73
CA VAL B 164 -30.99 -49.64 -17.76
C VAL B 164 -32.41 -49.51 -17.19
N PRO B 165 -33.39 -50.14 -17.87
CA PRO B 165 -34.83 -50.02 -17.55
C PRO B 165 -35.22 -50.62 -16.19
N GLN B 166 -36.21 -50.00 -15.57
CA GLN B 166 -36.81 -50.47 -14.31
C GLN B 166 -35.87 -50.36 -13.11
N LYS B 167 -35.12 -49.26 -13.05
CA LYS B 167 -34.16 -49.06 -11.98
C LYS B 167 -34.40 -47.68 -11.39
N THR B 168 -34.16 -47.56 -10.09
CA THR B 168 -34.15 -46.23 -9.46
C THR B 168 -32.76 -45.63 -9.59
N TYR B 169 -32.71 -44.52 -10.31
CA TYR B 169 -31.52 -43.70 -10.42
C TYR B 169 -31.60 -42.52 -9.48
N SER B 170 -30.54 -42.33 -8.68
CA SER B 170 -30.45 -41.17 -7.81
C SER B 170 -29.74 -40.11 -8.64
N VAL B 171 -30.14 -38.86 -8.46
CA VAL B 171 -29.58 -37.77 -9.24
C VAL B 171 -29.22 -36.54 -8.40
N LYS B 172 -28.04 -36.01 -8.66
CA LYS B 172 -27.53 -34.84 -7.96
C LYS B 172 -26.92 -33.89 -9.00
N VAL B 173 -27.07 -32.59 -8.79
CA VAL B 173 -26.61 -31.61 -9.77
C VAL B 173 -25.74 -30.56 -9.06
N LEU B 174 -24.60 -30.20 -9.65
CA LEU B 174 -23.86 -29.03 -9.20
C LEU B 174 -23.68 -28.02 -10.33
N ALA B 175 -23.46 -26.77 -9.96
CA ALA B 175 -23.02 -25.72 -10.88
C ALA B 175 -21.53 -25.46 -10.75
N PHE B 176 -20.90 -25.01 -11.84
CA PHE B 176 -19.50 -24.58 -11.78
C PHE B 176 -19.28 -23.25 -12.48
N THR B 177 -18.37 -22.46 -11.90
CA THR B 177 -17.84 -21.26 -12.53
C THR B 177 -16.48 -21.62 -13.12
N SER B 178 -15.82 -20.65 -13.76
CA SER B 178 -14.40 -20.79 -14.10
C SER B 178 -13.51 -21.20 -12.92
N ILE B 179 -13.81 -20.72 -11.73
CA ILE B 179 -12.97 -21.04 -10.59
C ILE B 179 -13.06 -22.52 -10.15
N GLY B 180 -14.26 -23.10 -10.13
CA GLY B 180 -14.43 -24.44 -9.60
C GLY B 180 -15.86 -24.93 -9.45
N ASP B 181 -16.02 -26.16 -8.96
CA ASP B 181 -17.33 -26.76 -8.75
C ASP B 181 -18.03 -26.27 -7.47
N GLY B 182 -19.32 -25.97 -7.57
CA GLY B 182 -20.13 -25.73 -6.39
C GLY B 182 -20.64 -27.00 -5.72
N PRO B 183 -21.53 -26.84 -4.73
CA PRO B 183 -22.07 -28.01 -4.03
C PRO B 183 -23.11 -28.74 -4.87
N LEU B 184 -23.25 -30.03 -4.60
CA LEU B 184 -24.32 -30.88 -5.13
C LEU B 184 -25.67 -30.73 -4.43
N SER B 185 -26.74 -30.65 -5.22
CA SER B 185 -28.09 -30.79 -4.69
C SER B 185 -28.27 -32.10 -3.95
N SER B 186 -29.15 -32.11 -2.95
CA SER B 186 -29.51 -33.34 -2.25
C SER B 186 -30.30 -34.24 -3.20
N ASP B 187 -30.21 -35.55 -3.00
CA ASP B 187 -30.69 -36.56 -3.96
C ASP B 187 -32.15 -36.42 -4.36
N ILE B 188 -32.42 -36.56 -5.65
CA ILE B 188 -33.77 -36.91 -6.11
C ILE B 188 -33.68 -38.29 -6.75
N GLN B 189 -34.82 -38.93 -6.93
CA GLN B 189 -34.86 -40.25 -7.55
C GLN B 189 -35.79 -40.23 -8.73
N VAL B 190 -35.44 -41.00 -9.76
CA VAL B 190 -36.26 -41.14 -10.94
C VAL B 190 -36.15 -42.59 -11.38
N ILE B 191 -37.26 -43.15 -11.83
CA ILE B 191 -37.33 -44.57 -12.11
C ILE B 191 -37.55 -44.80 -13.60
N THR B 192 -36.78 -45.71 -14.20
CA THR B 192 -36.82 -45.96 -15.64
C THR B 192 -37.94 -46.94 -15.94
N LEU B 193 -39.15 -46.42 -15.74
CA LEU B 193 -40.41 -47.16 -15.77
C LEU B 193 -41.46 -46.62 -16.74
N GLU B 194 -41.96 -47.50 -17.62
CA GLU B 194 -43.00 -47.21 -18.62
C GLU B 194 -42.41 -46.78 -19.96
#